data_3PJ9
#
_entry.id   3PJ9
#
_cell.length_a   85.672
_cell.length_b   88.142
_cell.length_c   110.925
_cell.angle_alpha   90.00
_cell.angle_beta   90.00
_cell.angle_gamma   90.00
#
_symmetry.space_group_name_H-M   'P 21 21 21'
#
loop_
_entity.id
_entity.type
_entity.pdbx_description
1 polymer 'Nucleoside diphosphate kinase'
2 non-polymer 'SULFATE ION'
3 water water
#
_entity_poly.entity_id   1
_entity_poly.type   'polypeptide(L)'
_entity_poly.pdbx_seq_one_letter_code
;NSAMEKTLSIIKPDAVKKGVIGKILDRFESNGLRIAAMKKVQLSKEQAENFYAVHKERPFFKDLVEFMISGPVVVSILEG
EGAVLKNRDLMGATNPKEAKAGTIRADFAESIDANAVHGSDSLENAKIEIEFFFKPNEIC
;
_entity_poly.pdbx_strand_id   A,B,C,D
#
# COMPACT_ATOMS: atom_id res chain seq x y z
N MET A 4 -18.09 1.69 1.08
CA MET A 4 -17.73 2.24 -0.27
C MET A 4 -18.14 3.72 -0.51
N GLU A 5 -17.46 4.66 0.14
CA GLU A 5 -17.98 6.00 0.30
C GLU A 5 -17.23 7.11 -0.47
N LYS A 6 -17.69 8.36 -0.32
CA LYS A 6 -17.01 9.53 -0.89
C LYS A 6 -16.59 10.52 0.19
N THR A 7 -15.47 11.18 -0.02
CA THR A 7 -14.98 12.15 0.93
C THR A 7 -14.39 13.37 0.20
N LEU A 8 -14.28 14.50 0.90
CA LEU A 8 -13.75 15.72 0.30
C LEU A 8 -12.29 15.87 0.63
N SER A 9 -11.47 16.11 -0.40
CA SER A 9 -10.07 16.38 -0.23
C SER A 9 -9.77 17.76 -0.77
N ILE A 10 -8.91 18.49 -0.08
CA ILE A 10 -8.41 19.75 -0.61
C ILE A 10 -6.91 19.72 -0.54
N ILE A 11 -6.26 19.90 -1.68
CA ILE A 11 -4.82 20.14 -1.65
C ILE A 11 -4.65 21.65 -1.47
N LYS A 12 -4.07 22.03 -0.33
CA LYS A 12 -4.02 23.41 0.11
C LYS A 12 -3.01 24.24 -0.67
N PRO A 13 -3.04 25.59 -0.49
CA PRO A 13 -2.23 26.47 -1.33
C PRO A 13 -0.73 26.24 -1.20
N ASP A 14 -0.24 25.86 0.00
CA ASP A 14 1.19 25.55 0.20
C ASP A 14 1.68 24.39 -0.69
N ALA A 15 0.92 23.31 -0.72
CA ALA A 15 1.26 22.18 -1.55
C ALA A 15 1.04 22.44 -3.06
N VAL A 16 -0.02 23.14 -3.42
CA VAL A 16 -0.17 23.52 -4.80
C VAL A 16 1.03 24.36 -5.27
N LYS A 17 1.44 25.34 -4.46
CA LYS A 17 2.56 26.21 -4.83
C LYS A 17 3.86 25.41 -5.01
N LYS A 18 4.05 24.38 -4.17
CA LYS A 18 5.23 23.51 -4.34
C LYS A 18 5.18 22.65 -5.60
N GLY A 19 4.04 22.53 -6.25
CA GLY A 19 3.96 21.75 -7.47
C GLY A 19 4.00 20.25 -7.19
N VAL A 20 3.33 19.80 -6.12
CA VAL A 20 3.33 18.40 -5.75
C VAL A 20 1.90 17.84 -5.86
N ILE A 21 1.08 18.49 -6.70
CA ILE A 21 -0.31 18.05 -6.89
C ILE A 21 -0.32 16.58 -7.36
N GLY A 22 0.48 16.25 -8.37
CA GLY A 22 0.48 14.88 -8.93
C GLY A 22 0.95 13.87 -7.89
N LYS A 23 1.99 14.21 -7.11
CA LYS A 23 2.53 13.28 -6.09
C LYS A 23 1.45 12.98 -5.05
N ILE A 24 0.67 14.00 -4.69
CA ILE A 24 -0.33 13.83 -3.66
C ILE A 24 -1.49 13.01 -4.23
N LEU A 25 -1.96 13.36 -5.41
CA LEU A 25 -3.05 12.61 -6.02
C LEU A 25 -2.72 11.11 -6.16
N ASP A 26 -1.47 10.84 -6.54
CA ASP A 26 -0.96 9.49 -6.65
C ASP A 26 -1.00 8.74 -5.29
N ARG A 27 -0.80 9.43 -4.17
CA ARG A 27 -0.98 8.78 -2.87
C ARG A 27 -2.37 8.25 -2.72
N PHE A 28 -3.38 9.05 -3.16
CA PHE A 28 -4.76 8.57 -3.11
C PHE A 28 -5.02 7.41 -4.08
N GLU A 29 -4.65 7.58 -5.35
CA GLU A 29 -4.95 6.55 -6.34
C GLU A 29 -4.22 5.22 -6.13
N SER A 30 -3.05 5.26 -5.49
CA SER A 30 -2.25 4.03 -5.30
C SER A 30 -2.72 3.31 -4.04
N ASN A 31 -3.64 3.93 -3.31
CA ASN A 31 -4.12 3.39 -2.04
C ASN A 31 -5.64 3.22 -1.94
N GLY A 32 -6.28 2.83 -3.04
CA GLY A 32 -7.69 2.41 -2.96
C GLY A 32 -8.67 3.56 -3.07
N LEU A 33 -8.22 4.73 -3.51
CA LEU A 33 -9.15 5.84 -3.64
C LEU A 33 -9.16 6.20 -5.11
N ARG A 34 -10.33 6.44 -5.65
CA ARG A 34 -10.48 6.97 -6.99
C ARG A 34 -10.84 8.48 -6.95
N ILE A 35 -10.32 9.27 -7.89
CA ILE A 35 -10.68 10.67 -8.01
C ILE A 35 -12.03 10.75 -8.78
N ALA A 36 -13.12 10.97 -8.07
CA ALA A 36 -14.47 11.00 -8.65
C ALA A 36 -14.81 12.35 -9.28
N ALA A 37 -14.23 13.41 -8.73
CA ALA A 37 -14.47 14.78 -9.21
C ALA A 37 -13.26 15.58 -8.82
N MET A 38 -12.91 16.61 -9.59
CA MET A 38 -11.71 17.37 -9.26
C MET A 38 -11.61 18.68 -10.01
N LYS A 39 -11.21 19.75 -9.32
CA LYS A 39 -10.99 21.03 -9.98
C LYS A 39 -9.98 21.85 -9.20
N LYS A 40 -9.16 22.59 -9.95
CA LYS A 40 -8.30 23.57 -9.34
C LYS A 40 -9.04 24.89 -9.34
N VAL A 41 -9.12 25.52 -8.17
CA VAL A 41 -9.89 26.72 -7.99
C VAL A 41 -9.18 27.66 -7.02
N GLN A 42 -9.46 28.94 -7.17
CA GLN A 42 -9.00 29.96 -6.26
C GLN A 42 -10.20 30.30 -5.37
N LEU A 43 -10.08 30.06 -4.07
CA LEU A 43 -11.18 30.41 -3.14
C LEU A 43 -11.20 31.90 -2.87
N SER A 44 -12.40 32.49 -2.83
CA SER A 44 -12.59 33.86 -2.35
C SER A 44 -12.59 33.89 -0.82
N LYS A 45 -12.36 35.07 -0.26
CA LYS A 45 -12.37 35.30 1.19
C LYS A 45 -13.73 34.84 1.72
N GLU A 46 -14.78 35.29 1.05
CA GLU A 46 -16.13 34.92 1.39
C GLU A 46 -16.31 33.41 1.47
N GLN A 47 -15.91 32.70 0.40
CA GLN A 47 -16.06 31.24 0.32
C GLN A 47 -15.32 30.49 1.44
N ALA A 48 -14.07 30.89 1.68
CA ALA A 48 -13.29 30.31 2.76
C ALA A 48 -13.90 30.57 4.15
N GLU A 49 -14.48 31.77 4.36
CA GLU A 49 -15.21 32.09 5.59
C GLU A 49 -16.43 31.21 5.77
N ASN A 50 -17.17 30.96 4.69
CA ASN A 50 -18.33 30.06 4.75
C ASN A 50 -17.90 28.61 5.06
N PHE A 51 -16.84 28.16 4.39
CA PHE A 51 -16.39 26.77 4.54
C PHE A 51 -15.97 26.51 5.98
N TYR A 52 -15.28 27.47 6.57
CA TYR A 52 -14.76 27.32 7.91
C TYR A 52 -15.64 27.96 9.00
N ALA A 53 -16.90 28.25 8.69
CA ALA A 53 -17.79 29.07 9.56
C ALA A 53 -18.02 28.52 10.96
N VAL A 54 -17.90 27.21 11.13
CA VAL A 54 -18.04 26.61 12.47
C VAL A 54 -16.95 27.11 13.43
N HIS A 55 -15.81 27.56 12.89
CA HIS A 55 -14.70 28.10 13.70
C HIS A 55 -14.64 29.65 13.80
N LYS A 56 -15.74 30.34 13.50
CA LYS A 56 -15.65 31.79 13.30
C LYS A 56 -15.52 32.58 14.61
N GLU A 57 -15.77 31.90 15.73
CA GLU A 57 -15.55 32.49 17.05
C GLU A 57 -14.19 32.06 17.59
N ARG A 58 -13.51 31.14 16.90
CA ARG A 58 -12.16 30.77 17.34
C ARG A 58 -11.14 31.86 16.97
N PRO A 59 -10.01 31.95 17.72
CA PRO A 59 -9.11 33.09 17.48
C PRO A 59 -8.26 32.96 16.19
N PHE A 60 -8.11 31.73 15.68
CA PHE A 60 -7.27 31.45 14.50
C PHE A 60 -8.02 31.58 13.15
N PHE A 61 -9.30 31.94 13.23
CA PHE A 61 -10.17 32.05 12.07
C PHE A 61 -9.51 32.89 10.97
N LYS A 62 -9.02 34.07 11.37
CA LYS A 62 -8.41 35.02 10.43
C LYS A 62 -7.24 34.43 9.62
N ASP A 63 -6.20 33.94 10.31
CA ASP A 63 -5.01 33.42 9.64
C ASP A 63 -5.37 32.24 8.75
N LEU A 64 -6.23 31.37 9.27
CA LEU A 64 -6.72 30.21 8.55
C LEU A 64 -7.33 30.61 7.20
N VAL A 65 -8.26 31.57 7.25
CA VAL A 65 -8.91 32.12 6.06
C VAL A 65 -7.86 32.69 5.09
N GLU A 66 -6.95 33.51 5.64
CA GLU A 66 -5.90 34.16 4.83
C GLU A 66 -5.03 33.14 4.12
N PHE A 67 -4.68 32.07 4.82
CA PHE A 67 -3.86 31.01 4.26
C PHE A 67 -4.62 30.25 3.17
N MET A 68 -5.90 29.99 3.40
CA MET A 68 -6.68 29.20 2.46
C MET A 68 -7.01 29.97 1.18
N ILE A 69 -6.81 31.29 1.20
CA ILE A 69 -6.99 32.08 0.00
C ILE A 69 -5.69 32.63 -0.59
N SER A 70 -4.56 32.25 0.00
CA SER A 70 -3.26 32.81 -0.40
C SER A 70 -2.82 32.27 -1.76
N GLY A 71 -3.45 31.21 -2.22
CA GLY A 71 -3.19 30.70 -3.54
C GLY A 71 -4.29 29.74 -3.94
N PRO A 72 -4.23 29.21 -5.16
CA PRO A 72 -5.28 28.28 -5.53
C PRO A 72 -5.09 26.91 -4.83
N VAL A 73 -6.17 26.14 -4.79
CA VAL A 73 -6.21 24.81 -4.17
C VAL A 73 -6.73 23.81 -5.21
N VAL A 74 -6.62 22.51 -4.94
CA VAL A 74 -7.22 21.51 -5.80
C VAL A 74 -8.24 20.82 -4.91
N VAL A 75 -9.52 20.90 -5.30
CA VAL A 75 -10.62 20.27 -4.55
C VAL A 75 -11.05 19.01 -5.29
N SER A 76 -11.14 17.88 -4.56
CA SER A 76 -11.52 16.61 -5.17
C SER A 76 -12.54 15.88 -4.30
N ILE A 77 -13.33 15.04 -4.95
CA ILE A 77 -14.08 13.97 -4.30
C ILE A 77 -13.30 12.67 -4.48
N LEU A 78 -12.95 12.02 -3.39
CA LEU A 78 -12.26 10.72 -3.42
C LEU A 78 -13.28 9.62 -3.06
N GLU A 79 -13.32 8.55 -3.86
CA GLU A 79 -14.29 7.48 -3.69
C GLU A 79 -13.56 6.14 -3.47
N GLY A 80 -14.04 5.37 -2.49
CA GLY A 80 -13.50 4.03 -2.21
C GLY A 80 -14.05 3.46 -0.91
N GLU A 81 -13.72 2.20 -0.62
CA GLU A 81 -14.15 1.55 0.63
C GLU A 81 -13.52 2.28 1.79
N GLY A 82 -14.32 2.65 2.78
CA GLY A 82 -13.82 3.46 3.90
C GLY A 82 -13.04 4.71 3.48
N ALA A 83 -13.48 5.43 2.43
CA ALA A 83 -12.74 6.62 1.95
C ALA A 83 -12.44 7.66 3.01
N VAL A 84 -13.40 7.91 3.90
CA VAL A 84 -13.24 9.02 4.84
C VAL A 84 -12.01 8.75 5.72
N LEU A 85 -11.97 7.56 6.32
CA LEU A 85 -10.87 7.15 7.20
C LEU A 85 -9.60 6.92 6.42
N LYS A 86 -9.71 6.27 5.25
N LYS A 86 -9.74 6.29 5.25
CA LYS A 86 -8.53 6.02 4.43
CA LYS A 86 -8.61 6.01 4.38
C LYS A 86 -7.84 7.34 4.04
C LYS A 86 -7.87 7.29 4.00
N ASN A 87 -8.63 8.34 3.63
CA ASN A 87 -8.05 9.67 3.30
C ASN A 87 -7.34 10.24 4.54
N ARG A 88 -7.97 10.16 5.71
CA ARG A 88 -7.31 10.60 6.95
C ARG A 88 -6.02 9.82 7.28
N ASP A 89 -6.00 8.53 7.02
N ASP A 89 -6.02 8.50 7.04
CA ASP A 89 -4.79 7.75 7.29
CA ASP A 89 -4.82 7.59 7.17
C ASP A 89 -3.65 8.16 6.32
C ASP A 89 -3.68 8.20 6.32
N LEU A 90 -3.97 8.47 5.07
CA LEU A 90 -2.98 8.90 4.09
C LEU A 90 -2.44 10.31 4.34
N MET A 91 -3.30 11.19 4.85
CA MET A 91 -2.94 12.58 5.15
C MET A 91 -1.96 12.62 6.28
N GLY A 92 -2.24 11.81 7.30
CA GLY A 92 -1.38 11.75 8.47
C GLY A 92 -1.80 12.77 9.53
N ALA A 93 -1.07 12.75 10.63
CA ALA A 93 -1.36 13.60 11.80
C ALA A 93 -1.43 15.08 11.43
N THR A 94 -2.31 15.82 12.11
CA THR A 94 -2.52 17.26 11.89
C THR A 94 -1.21 18.04 11.93
N ASN A 95 -0.41 17.72 12.94
CA ASN A 95 0.90 18.29 13.09
C ASN A 95 1.90 17.47 12.28
N PRO A 96 2.48 18.09 11.24
CA PRO A 96 3.41 17.39 10.35
C PRO A 96 4.60 16.73 11.06
N LYS A 97 5.02 17.29 12.19
CA LYS A 97 6.13 16.73 12.95
C LYS A 97 5.75 15.39 13.57
N GLU A 98 4.44 15.18 13.75
CA GLU A 98 3.93 13.94 14.35
C GLU A 98 3.37 12.95 13.34
N ALA A 99 3.37 13.34 12.06
CA ALA A 99 2.78 12.52 11.00
C ALA A 99 3.67 11.31 10.64
N LYS A 100 3.05 10.12 10.53
CA LYS A 100 3.82 8.90 10.27
C LYS A 100 4.40 8.88 8.85
N ALA A 101 5.31 7.95 8.63
CA ALA A 101 6.06 7.90 7.40
C ALA A 101 5.16 7.42 6.27
N GLY A 102 5.42 7.92 5.08
CA GLY A 102 4.58 7.58 3.95
C GLY A 102 3.29 8.37 3.94
N THR A 103 3.07 9.26 4.91
CA THR A 103 1.91 10.15 4.84
C THR A 103 2.18 11.45 4.05
N ILE A 104 1.10 12.04 3.55
CA ILE A 104 1.18 13.32 2.85
C ILE A 104 1.75 14.42 3.73
N ARG A 105 1.27 14.53 4.97
CA ARG A 105 1.78 15.57 5.86
C ARG A 105 3.24 15.35 6.27
N ALA A 106 3.66 14.11 6.45
CA ALA A 106 5.09 13.87 6.72
C ALA A 106 5.98 14.30 5.55
N ASP A 107 5.52 14.14 4.32
CA ASP A 107 6.36 14.37 3.15
C ASP A 107 6.27 15.79 2.59
N PHE A 108 5.11 16.43 2.70
CA PHE A 108 4.88 17.69 1.99
C PHE A 108 4.41 18.89 2.82
N ALA A 109 4.30 18.75 4.14
CA ALA A 109 3.72 19.82 4.94
C ALA A 109 4.80 20.47 5.79
N GLU A 110 4.70 21.78 5.95
CA GLU A 110 5.72 22.53 6.70
C GLU A 110 5.41 22.69 8.18
N SER A 111 4.12 22.83 8.51
CA SER A 111 3.72 23.13 9.88
C SER A 111 2.24 22.87 10.06
N ILE A 112 1.78 23.00 11.30
CA ILE A 112 0.36 22.90 11.64
C ILE A 112 -0.46 23.81 10.77
N ASP A 113 0.04 25.02 10.53
CA ASP A 113 -0.67 26.00 9.70
C ASP A 113 -0.62 25.66 8.20
N ALA A 114 0.56 25.35 7.69
CA ALA A 114 0.69 25.00 6.28
C ALA A 114 0.89 23.50 6.19
N ASN A 115 -0.21 22.77 6.27
CA ASN A 115 -0.12 21.31 6.37
C ASN A 115 -0.71 20.55 5.17
N ALA A 116 -0.60 21.16 3.99
CA ALA A 116 -0.71 20.48 2.65
C ALA A 116 -2.11 20.10 2.21
N VAL A 117 -2.91 19.56 3.13
CA VAL A 117 -4.16 18.90 2.78
C VAL A 117 -5.23 19.02 3.84
N HIS A 118 -6.49 19.05 3.40
CA HIS A 118 -7.66 18.92 4.23
C HIS A 118 -8.34 17.63 3.82
N GLY A 119 -8.96 16.94 4.76
CA GLY A 119 -9.84 15.82 4.42
C GLY A 119 -11.09 15.85 5.30
N SER A 120 -12.25 15.46 4.78
CA SER A 120 -13.46 15.36 5.68
C SER A 120 -13.20 14.47 6.91
N ASP A 121 -13.73 14.85 8.06
CA ASP A 121 -13.43 14.08 9.27
C ASP A 121 -14.48 13.05 9.69
N SER A 122 -15.60 12.96 8.96
CA SER A 122 -16.69 12.01 9.27
C SER A 122 -17.53 11.90 8.01
N LEU A 123 -18.41 10.91 7.95
CA LEU A 123 -19.36 10.78 6.84
C LEU A 123 -20.32 11.96 6.71
N GLU A 124 -20.80 12.45 7.85
CA GLU A 124 -21.69 13.60 7.88
C GLU A 124 -20.99 14.84 7.33
N ASN A 125 -19.75 15.08 7.75
CA ASN A 125 -19.03 16.23 7.24
C ASN A 125 -18.61 16.06 5.79
N ALA A 126 -18.32 14.83 5.39
CA ALA A 126 -18.10 14.52 3.95
C ALA A 126 -19.27 15.02 3.11
N LYS A 127 -20.49 14.62 3.45
CA LYS A 127 -21.65 15.02 2.64
C LYS A 127 -21.73 16.55 2.60
N ILE A 128 -21.59 17.20 3.75
CA ILE A 128 -21.67 18.66 3.83
C ILE A 128 -20.61 19.35 2.93
N GLU A 129 -19.38 18.90 3.04
CA GLU A 129 -18.25 19.50 2.32
C GLU A 129 -18.35 19.25 0.83
N ILE A 130 -18.77 18.05 0.43
CA ILE A 130 -18.96 17.76 -0.99
C ILE A 130 -20.06 18.68 -1.56
N GLU A 131 -21.18 18.83 -0.85
CA GLU A 131 -22.25 19.64 -1.34
C GLU A 131 -21.83 21.12 -1.39
N PHE A 132 -20.91 21.51 -0.51
CA PHE A 132 -20.43 22.88 -0.49
C PHE A 132 -19.72 23.23 -1.83
N PHE A 133 -18.81 22.36 -2.27
CA PHE A 133 -18.01 22.59 -3.47
C PHE A 133 -18.61 22.15 -4.80
N PHE A 134 -19.46 21.09 -4.78
CA PHE A 134 -19.95 20.51 -6.04
C PHE A 134 -21.46 20.51 -6.10
N LYS A 135 -22.01 21.58 -6.63
CA LYS A 135 -23.44 21.73 -6.69
C LYS A 135 -23.90 21.26 -8.10
N PRO A 136 -25.21 20.94 -8.29
CA PRO A 136 -25.69 20.62 -9.63
C PRO A 136 -25.42 21.77 -10.60
N ASN A 137 -24.58 21.53 -11.59
CA ASN A 137 -24.19 22.59 -12.51
C ASN A 137 -24.02 22.16 -13.94
N GLU A 138 -24.52 20.97 -14.28
CA GLU A 138 -24.47 20.58 -15.68
C GLU A 138 -25.70 21.15 -16.38
N ILE A 139 -25.49 22.31 -17.03
CA ILE A 139 -26.56 23.01 -17.74
C ILE A 139 -27.02 22.17 -18.96
N CYS A 140 -28.33 22.17 -19.21
CA CYS A 140 -28.89 21.21 -20.14
C CYS A 140 -30.26 21.58 -20.73
N MET B 4 -9.16 -1.50 6.95
CA MET B 4 -9.07 -2.94 7.36
C MET B 4 -8.31 -3.83 6.32
N GLU B 5 -7.16 -3.34 5.93
CA GLU B 5 -6.54 -3.78 4.78
C GLU B 5 -5.45 -4.81 5.11
N LYS B 6 -4.89 -5.35 4.07
CA LYS B 6 -3.81 -6.32 4.15
C LYS B 6 -2.61 -5.76 3.44
N THR B 7 -1.44 -6.07 3.97
CA THR B 7 -0.20 -5.72 3.30
C THR B 7 0.77 -6.90 3.35
N LEU B 8 1.77 -6.89 2.48
CA LEU B 8 2.75 -7.98 2.45
C LEU B 8 4.00 -7.57 3.24
N SER B 9 4.51 -8.50 4.03
CA SER B 9 5.76 -8.30 4.74
C SER B 9 6.68 -9.41 4.34
N ILE B 10 7.98 -9.07 4.18
CA ILE B 10 8.98 -10.12 3.98
C ILE B 10 10.11 -9.86 4.97
N ILE B 11 10.46 -10.88 5.76
CA ILE B 11 11.68 -10.81 6.56
C ILE B 11 12.77 -11.41 5.67
N LYS B 12 13.76 -10.59 5.34
CA LYS B 12 14.69 -10.89 4.26
C LYS B 12 15.77 -11.86 4.79
N PRO B 13 16.62 -12.39 3.90
CA PRO B 13 17.55 -13.43 4.36
C PRO B 13 18.52 -13.03 5.48
N ASP B 14 18.95 -11.77 5.48
CA ASP B 14 19.78 -11.26 6.56
C ASP B 14 19.09 -11.37 7.93
N ALA B 15 17.85 -10.88 8.02
CA ALA B 15 17.20 -10.91 9.32
C ALA B 15 16.87 -12.36 9.71
N VAL B 16 16.52 -13.17 8.71
CA VAL B 16 16.28 -14.59 9.01
C VAL B 16 17.55 -15.28 9.60
N LYS B 17 18.71 -15.00 9.00
CA LYS B 17 19.98 -15.54 9.51
C LYS B 17 20.32 -15.05 10.92
N LYS B 18 19.91 -13.81 11.26
CA LYS B 18 20.11 -13.35 12.61
C LYS B 18 19.22 -14.06 13.62
N GLY B 19 18.22 -14.81 13.16
CA GLY B 19 17.34 -15.48 14.12
C GLY B 19 16.50 -14.50 14.92
N VAL B 20 15.99 -13.45 14.25
CA VAL B 20 15.13 -12.46 14.92
C VAL B 20 13.70 -12.46 14.32
N ILE B 21 13.27 -13.61 13.79
CA ILE B 21 11.95 -13.73 13.18
C ILE B 21 10.85 -13.40 14.21
N GLY B 22 10.94 -13.97 15.41
CA GLY B 22 9.95 -13.76 16.46
C GLY B 22 9.88 -12.29 16.86
N LYS B 23 11.05 -11.67 17.12
CA LYS B 23 11.11 -10.26 17.51
C LYS B 23 10.41 -9.35 16.47
N ILE B 24 10.63 -9.63 15.18
CA ILE B 24 10.09 -8.80 14.12
C ILE B 24 8.58 -9.04 14.03
N LEU B 25 8.17 -10.30 14.02
CA LEU B 25 6.73 -10.59 13.97
C LEU B 25 6.00 -9.98 15.20
N ASP B 26 6.63 -10.03 16.35
CA ASP B 26 6.06 -9.41 17.54
C ASP B 26 5.89 -7.88 17.40
N ARG B 27 6.76 -7.18 16.67
CA ARG B 27 6.47 -5.75 16.41
C ARG B 27 5.13 -5.57 15.73
N PHE B 28 4.79 -6.43 14.75
CA PHE B 28 3.51 -6.29 14.07
C PHE B 28 2.32 -6.60 14.99
N GLU B 29 2.36 -7.78 15.61
CA GLU B 29 1.28 -8.24 16.50
C GLU B 29 1.08 -7.35 17.73
N SER B 30 2.13 -6.72 18.25
CA SER B 30 1.97 -5.83 19.43
C SER B 30 1.50 -4.44 19.03
N ASN B 31 1.36 -4.20 17.72
CA ASN B 31 1.01 -2.86 17.21
C ASN B 31 -0.26 -2.88 16.35
N GLY B 32 -1.17 -3.78 16.69
CA GLY B 32 -2.47 -3.86 16.02
C GLY B 32 -2.50 -4.52 14.64
N LEU B 33 -1.52 -5.36 14.33
CA LEU B 33 -1.57 -6.08 13.04
C LEU B 33 -1.74 -7.58 13.34
N ARG B 34 -2.57 -8.26 12.59
CA ARG B 34 -2.69 -9.70 12.75
C ARG B 34 -1.93 -10.40 11.60
N ILE B 35 -1.22 -11.50 11.90
CA ILE B 35 -0.56 -12.28 10.81
C ILE B 35 -1.66 -13.15 10.19
N ALA B 36 -2.15 -12.71 9.03
CA ALA B 36 -3.26 -13.39 8.36
C ALA B 36 -2.80 -14.62 7.60
N ALA B 37 -1.51 -14.62 7.20
CA ALA B 37 -0.94 -15.73 6.44
C ALA B 37 0.55 -15.64 6.63
N MET B 38 1.25 -16.77 6.53
CA MET B 38 2.67 -16.73 6.76
C MET B 38 3.33 -18.02 6.38
N LYS B 39 4.49 -17.91 5.75
CA LYS B 39 5.29 -19.10 5.48
C LYS B 39 6.73 -18.68 5.34
N LYS B 40 7.62 -19.59 5.71
CA LYS B 40 9.04 -19.38 5.54
C LYS B 40 9.47 -20.19 4.28
N VAL B 41 10.02 -19.52 3.28
CA VAL B 41 10.31 -20.16 2.00
C VAL B 41 11.70 -19.77 1.51
N GLN B 42 12.28 -20.68 0.75
CA GLN B 42 13.49 -20.40 0.00
C GLN B 42 13.04 -20.04 -1.42
N LEU B 43 13.20 -18.78 -1.81
CA LEU B 43 12.90 -18.39 -3.19
C LEU B 43 13.84 -19.05 -4.18
N SER B 44 13.30 -19.49 -5.31
CA SER B 44 14.17 -19.84 -6.43
C SER B 44 14.60 -18.58 -7.15
N LYS B 45 15.61 -18.71 -7.99
CA LYS B 45 16.13 -17.59 -8.73
C LYS B 45 15.02 -17.00 -9.60
N GLU B 46 14.27 -17.88 -10.23
CA GLU B 46 13.19 -17.47 -11.10
C GLU B 46 12.07 -16.74 -10.32
N GLN B 47 11.72 -17.24 -9.14
CA GLN B 47 10.75 -16.56 -8.30
C GLN B 47 11.20 -15.16 -7.85
N ALA B 48 12.46 -15.03 -7.42
CA ALA B 48 13.01 -13.70 -7.07
C ALA B 48 13.00 -12.73 -8.24
N GLU B 49 13.40 -13.21 -9.42
CA GLU B 49 13.39 -12.38 -10.65
C GLU B 49 11.98 -11.90 -10.97
N ASN B 50 11.01 -12.82 -10.88
CA ASN B 50 9.60 -12.49 -11.10
C ASN B 50 9.07 -11.55 -10.04
N PHE B 51 9.35 -11.78 -8.76
CA PHE B 51 8.86 -10.85 -7.75
C PHE B 51 9.38 -9.42 -7.95
N TYR B 52 10.65 -9.31 -8.34
CA TYR B 52 11.31 -8.03 -8.53
C TYR B 52 11.35 -7.57 -9.97
N ALA B 53 10.40 -8.07 -10.77
CA ALA B 53 10.38 -7.80 -12.22
C ALA B 53 10.47 -6.32 -12.53
N VAL B 54 10.00 -5.46 -11.61
CA VAL B 54 10.07 -3.99 -11.82
C VAL B 54 11.52 -3.51 -12.06
N HIS B 55 12.51 -4.23 -11.53
CA HIS B 55 13.90 -3.82 -11.63
C HIS B 55 14.63 -4.55 -12.75
N LYS B 56 13.90 -5.41 -13.45
CA LYS B 56 14.43 -6.33 -14.49
C LYS B 56 15.36 -5.66 -15.52
N GLU B 57 15.13 -4.37 -15.81
CA GLU B 57 15.92 -3.64 -16.80
C GLU B 57 17.03 -2.80 -16.19
N ARG B 58 17.21 -2.88 -14.87
CA ARG B 58 18.13 -1.97 -14.19
C ARG B 58 19.49 -2.60 -13.91
N PRO B 59 20.55 -1.76 -13.81
CA PRO B 59 21.88 -2.27 -13.46
C PRO B 59 21.87 -2.96 -12.11
N PHE B 60 22.63 -4.05 -12.03
CA PHE B 60 22.83 -4.82 -10.78
C PHE B 60 21.59 -5.57 -10.26
N PHE B 61 20.56 -5.65 -11.10
CA PHE B 61 19.39 -6.53 -10.88
C PHE B 61 19.84 -7.92 -10.42
N LYS B 62 20.87 -8.46 -11.06
CA LYS B 62 21.36 -9.81 -10.71
C LYS B 62 21.84 -9.95 -9.25
N ASP B 63 22.40 -8.89 -8.71
CA ASP B 63 22.86 -8.91 -7.31
C ASP B 63 21.74 -8.84 -6.30
N LEU B 64 20.65 -8.15 -6.65
CA LEU B 64 19.43 -8.19 -5.82
C LEU B 64 18.90 -9.64 -5.75
N VAL B 65 18.80 -10.26 -6.93
CA VAL B 65 18.28 -11.60 -7.07
C VAL B 65 19.15 -12.57 -6.25
N GLU B 66 20.48 -12.46 -6.39
CA GLU B 66 21.39 -13.31 -5.62
C GLU B 66 21.23 -13.11 -4.11
N PHE B 67 21.07 -11.86 -3.66
CA PHE B 67 20.88 -11.65 -2.23
C PHE B 67 19.54 -12.29 -1.76
N MET B 68 18.48 -12.11 -2.55
CA MET B 68 17.16 -12.55 -2.15
C MET B 68 16.96 -14.08 -2.22
N ILE B 69 17.91 -14.78 -2.83
CA ILE B 69 17.90 -16.23 -2.81
C ILE B 69 19.03 -16.81 -1.93
N SER B 70 19.75 -15.94 -1.22
CA SER B 70 20.93 -16.41 -0.44
C SER B 70 20.56 -17.17 0.82
N GLY B 71 19.30 -17.11 1.23
CA GLY B 71 18.76 -17.98 2.26
C GLY B 71 17.27 -17.74 2.31
N PRO B 72 16.55 -18.52 3.16
CA PRO B 72 15.11 -18.40 3.26
C PRO B 72 14.61 -17.04 3.78
N VAL B 73 13.36 -16.74 3.44
CA VAL B 73 12.70 -15.53 3.89
C VAL B 73 11.41 -15.93 4.58
N VAL B 74 10.85 -15.04 5.40
CA VAL B 74 9.52 -15.26 5.97
C VAL B 74 8.58 -14.28 5.33
N VAL B 75 7.56 -14.80 4.67
N VAL B 75 7.57 -14.78 4.65
CA VAL B 75 6.60 -13.94 3.99
CA VAL B 75 6.63 -13.91 3.95
C VAL B 75 5.30 -13.97 4.78
C VAL B 75 5.26 -13.98 4.62
N SER B 76 4.68 -12.82 4.93
CA SER B 76 3.45 -12.74 5.74
C SER B 76 2.48 -11.78 5.11
N ILE B 77 1.20 -12.04 5.29
CA ILE B 77 0.22 -10.99 5.13
C ILE B 77 -0.10 -10.38 6.51
N LEU B 78 -0.03 -9.07 6.63
CA LEU B 78 -0.36 -8.39 7.89
C LEU B 78 -1.68 -7.65 7.69
N GLU B 79 -2.63 -7.85 8.61
CA GLU B 79 -3.93 -7.30 8.42
C GLU B 79 -4.31 -6.42 9.59
N GLY B 80 -4.91 -5.26 9.31
CA GLY B 80 -5.36 -4.37 10.39
C GLY B 80 -5.67 -3.01 9.77
N GLU B 81 -6.26 -2.13 10.55
CA GLU B 81 -6.63 -0.80 10.09
C GLU B 81 -5.36 -0.08 9.66
N GLY B 82 -5.35 0.49 8.46
CA GLY B 82 -4.15 1.18 7.94
C GLY B 82 -2.89 0.33 7.90
N ALA B 83 -3.02 -0.96 7.59
CA ALA B 83 -1.90 -1.91 7.68
C ALA B 83 -0.70 -1.50 6.82
N VAL B 84 -0.98 -0.99 5.61
CA VAL B 84 0.11 -0.65 4.68
C VAL B 84 1.07 0.37 5.31
N LEU B 85 0.52 1.50 5.74
CA LEU B 85 1.34 2.55 6.36
C LEU B 85 1.85 2.16 7.74
N LYS B 86 1.06 1.37 8.46
CA LYS B 86 1.44 0.96 9.83
C LYS B 86 2.70 0.09 9.70
N ASN B 87 2.70 -0.83 8.74
CA ASN B 87 3.87 -1.63 8.44
C ASN B 87 5.10 -0.71 8.12
N ARG B 88 4.94 0.25 7.23
N ARG B 88 4.91 0.25 7.24
CA ARG B 88 6.04 1.18 6.95
CA ARG B 88 5.99 1.17 6.90
C ARG B 88 6.55 1.82 8.25
C ARG B 88 6.51 1.99 8.12
N ASP B 89 5.62 2.32 9.06
CA ASP B 89 5.98 3.06 10.27
C ASP B 89 6.83 2.15 11.17
N LEU B 90 6.42 0.87 11.27
CA LEU B 90 7.11 -0.08 12.12
C LEU B 90 8.48 -0.50 11.55
N MET B 91 8.58 -0.65 10.21
CA MET B 91 9.85 -1.02 9.57
C MET B 91 10.89 0.07 9.71
N GLY B 92 10.46 1.32 9.53
CA GLY B 92 11.37 2.48 9.52
C GLY B 92 11.97 2.65 8.14
N ALA B 93 12.73 3.73 7.98
CA ALA B 93 13.28 4.14 6.70
C ALA B 93 14.08 3.00 6.05
N THR B 94 13.94 2.90 4.73
CA THR B 94 14.62 1.86 3.97
C THR B 94 16.09 1.87 4.26
N ASN B 95 16.68 3.06 4.34
CA ASN B 95 18.06 3.19 4.70
C ASN B 95 18.18 3.18 6.23
N PRO B 96 18.64 2.05 6.80
CA PRO B 96 18.76 1.88 8.27
C PRO B 96 19.45 3.05 8.99
N LYS B 97 20.32 3.79 8.28
CA LYS B 97 20.94 4.99 8.88
C LYS B 97 19.96 6.15 9.11
N GLU B 98 18.92 6.25 8.28
CA GLU B 98 17.87 7.30 8.44
C GLU B 98 16.66 6.77 9.24
N ALA B 99 16.70 5.48 9.61
CA ALA B 99 15.60 4.86 10.32
C ALA B 99 15.49 5.34 11.77
N LYS B 100 14.28 5.70 12.17
CA LYS B 100 14.01 6.15 13.54
C LYS B 100 14.38 5.03 14.54
N ALA B 101 14.93 5.45 15.70
CA ALA B 101 15.30 4.52 16.77
C ALA B 101 14.08 3.66 17.14
N GLY B 102 14.29 2.37 17.37
CA GLY B 102 13.18 1.51 17.77
C GLY B 102 12.45 0.87 16.61
N THR B 103 12.69 1.32 15.39
CA THR B 103 12.07 0.62 14.25
C THR B 103 12.77 -0.71 13.93
N ILE B 104 12.12 -1.56 13.15
CA ILE B 104 12.75 -2.83 12.74
C ILE B 104 14.12 -2.60 12.04
N ARG B 105 14.17 -1.67 11.10
CA ARG B 105 15.42 -1.49 10.37
C ARG B 105 16.50 -0.84 11.26
N ALA B 106 16.10 0.07 12.15
CA ALA B 106 17.09 0.62 13.09
C ALA B 106 17.69 -0.50 13.93
N ASP B 107 16.86 -1.46 14.33
CA ASP B 107 17.29 -2.51 15.23
C ASP B 107 18.07 -3.66 14.56
N PHE B 108 17.67 -4.04 13.34
CA PHE B 108 18.09 -5.31 12.76
C PHE B 108 18.77 -5.24 11.38
N ALA B 109 18.81 -4.05 10.77
CA ALA B 109 19.31 -3.93 9.39
C ALA B 109 20.77 -3.54 9.40
N GLU B 110 21.57 -4.11 8.50
CA GLU B 110 22.99 -3.79 8.46
C GLU B 110 23.32 -2.70 7.45
N SER B 111 22.53 -2.62 6.39
CA SER B 111 22.87 -1.71 5.30
C SER B 111 21.60 -1.50 4.47
N ILE B 112 21.68 -0.61 3.49
CA ILE B 112 20.57 -0.38 2.57
C ILE B 112 20.13 -1.67 1.86
N ASP B 113 21.08 -2.51 1.47
CA ASP B 113 20.68 -3.76 0.82
C ASP B 113 20.22 -4.82 1.85
N ALA B 114 20.99 -5.00 2.92
CA ALA B 114 20.63 -5.98 3.94
C ALA B 114 19.79 -5.20 4.95
N ASN B 115 18.55 -4.87 4.57
CA ASN B 115 17.78 -3.95 5.38
C ASN B 115 16.64 -4.67 6.12
N ALA B 116 16.84 -5.98 6.36
CA ALA B 116 16.02 -6.83 7.28
C ALA B 116 14.65 -7.18 6.70
N VAL B 117 13.91 -6.20 6.22
CA VAL B 117 12.50 -6.41 5.88
C VAL B 117 12.07 -5.63 4.63
N HIS B 118 11.07 -6.15 3.93
CA HIS B 118 10.31 -5.43 2.91
C HIS B 118 8.87 -5.27 3.42
N GLY B 119 8.21 -4.21 2.98
CA GLY B 119 6.75 -4.09 3.15
C GLY B 119 6.18 -3.41 1.92
N SER B 120 4.98 -3.78 1.50
CA SER B 120 4.34 -3.11 0.35
C SER B 120 4.30 -1.60 0.51
N ASP B 121 4.51 -0.85 -0.56
CA ASP B 121 4.60 0.59 -0.29
C ASP B 121 3.28 1.29 -0.53
N SER B 122 2.29 0.54 -1.02
CA SER B 122 0.96 1.08 -1.34
C SER B 122 -0.02 -0.08 -1.34
N LEU B 123 -1.30 0.24 -1.29
CA LEU B 123 -2.34 -0.82 -1.29
C LEU B 123 -2.36 -1.50 -2.68
N GLU B 124 -2.16 -0.70 -3.73
CA GLU B 124 -2.07 -1.29 -5.06
C GLU B 124 -0.89 -2.27 -5.18
N ASN B 125 0.29 -1.94 -4.65
CA ASN B 125 1.36 -2.93 -4.63
C ASN B 125 1.10 -4.08 -3.67
N ALA B 126 0.41 -3.83 -2.57
CA ALA B 126 0.14 -4.93 -1.65
C ALA B 126 -0.67 -6.03 -2.35
N LYS B 127 -1.70 -5.61 -3.08
CA LYS B 127 -2.58 -6.53 -3.78
C LYS B 127 -1.81 -7.48 -4.74
N ILE B 128 -0.93 -6.90 -5.56
CA ILE B 128 -0.06 -7.60 -6.51
C ILE B 128 0.93 -8.52 -5.79
N GLU B 129 1.55 -8.01 -4.72
CA GLU B 129 2.56 -8.75 -3.98
C GLU B 129 1.93 -9.91 -3.22
N ILE B 130 0.79 -9.65 -2.60
CA ILE B 130 0.11 -10.70 -1.87
C ILE B 130 -0.34 -11.82 -2.86
N GLU B 131 -0.89 -11.47 -4.04
CA GLU B 131 -1.29 -12.48 -5.02
C GLU B 131 -0.10 -13.30 -5.53
N PHE B 132 1.05 -12.66 -5.65
CA PHE B 132 2.26 -13.36 -6.06
C PHE B 132 2.59 -14.53 -5.13
N PHE B 133 2.49 -14.27 -3.82
CA PHE B 133 2.89 -15.25 -2.81
C PHE B 133 1.84 -16.25 -2.32
N PHE B 134 0.57 -15.86 -2.28
CA PHE B 134 -0.44 -16.61 -1.55
C PHE B 134 -1.67 -16.91 -2.37
N LYS B 135 -2.15 -18.14 -2.28
CA LYS B 135 -3.48 -18.49 -2.74
C LYS B 135 -4.47 -18.14 -1.62
N PRO B 136 -5.75 -17.92 -1.98
CA PRO B 136 -6.85 -17.72 -0.99
C PRO B 136 -6.85 -18.68 0.20
N ASN B 137 -6.62 -19.98 -0.02
CA ASN B 137 -6.64 -20.94 1.11
C ASN B 137 -5.51 -20.82 2.16
N GLU B 138 -4.50 -20.00 1.87
CA GLU B 138 -3.42 -19.75 2.82
C GLU B 138 -3.72 -18.60 3.78
N ILE B 139 -4.67 -17.76 3.38
CA ILE B 139 -5.09 -16.59 4.16
C ILE B 139 -6.16 -17.06 5.17
N CYS B 140 -5.86 -17.12 6.47
CA CYS B 140 -6.69 -17.89 7.44
C CYS B 140 -6.73 -17.35 8.90
N MET C 4 22.80 -31.65 17.05
CA MET C 4 21.84 -30.79 16.30
C MET C 4 20.69 -31.60 15.64
N GLU C 5 19.52 -31.56 16.26
CA GLU C 5 18.40 -32.39 15.82
C GLU C 5 17.20 -31.48 15.46
N LYS C 6 16.19 -32.06 14.84
CA LYS C 6 14.96 -31.35 14.50
C LYS C 6 13.75 -31.86 15.27
N THR C 7 12.88 -30.94 15.66
CA THR C 7 11.62 -31.28 16.32
C THR C 7 10.45 -30.46 15.75
N LEU C 8 9.24 -30.95 15.97
CA LEU C 8 8.05 -30.31 15.43
C LEU C 8 7.37 -29.51 16.54
N SER C 9 7.04 -28.25 16.23
CA SER C 9 6.31 -27.38 17.11
C SER C 9 4.97 -26.99 16.43
N ILE C 10 3.89 -26.92 17.20
CA ILE C 10 2.65 -26.33 16.67
C ILE C 10 2.26 -25.26 17.67
N ILE C 11 2.06 -24.02 17.20
CA ILE C 11 1.39 -23.06 18.00
C ILE C 11 -0.10 -23.22 17.75
N LYS C 12 -0.84 -23.53 18.82
CA LYS C 12 -2.22 -23.99 18.74
C LYS C 12 -3.18 -22.81 18.51
N PRO C 13 -4.46 -23.08 18.18
CA PRO C 13 -5.35 -22.01 17.72
C PRO C 13 -5.61 -20.93 18.79
N ASP C 14 -5.58 -21.31 20.07
CA ASP C 14 -5.69 -20.36 21.17
C ASP C 14 -4.56 -19.30 21.13
N ALA C 15 -3.31 -19.74 21.08
CA ALA C 15 -2.21 -18.78 21.05
C ALA C 15 -2.16 -17.98 19.75
N VAL C 16 -2.51 -18.62 18.64
CA VAL C 16 -2.57 -17.88 17.36
C VAL C 16 -3.65 -16.77 17.46
N LYS C 17 -4.79 -17.12 18.03
CA LYS C 17 -5.86 -16.15 18.14
C LYS C 17 -5.48 -14.98 19.06
N LYS C 18 -4.73 -15.27 20.14
CA LYS C 18 -4.19 -14.23 21.04
C LYS C 18 -3.19 -13.29 20.35
N GLY C 19 -2.64 -13.69 19.21
CA GLY C 19 -1.65 -12.83 18.57
C GLY C 19 -0.28 -12.80 19.25
N VAL C 20 0.17 -13.97 19.72
CA VAL C 20 1.46 -14.09 20.42
C VAL C 20 2.44 -15.04 19.67
N ILE C 21 2.22 -15.17 18.36
CA ILE C 21 3.05 -16.01 17.53
C ILE C 21 4.52 -15.56 17.62
N GLY C 22 4.74 -14.27 17.43
CA GLY C 22 6.10 -13.72 17.50
C GLY C 22 6.78 -13.93 18.86
N LYS C 23 6.04 -13.69 19.93
CA LYS C 23 6.62 -13.86 21.28
C LYS C 23 6.99 -15.33 21.47
N ILE C 24 6.14 -16.23 20.97
CA ILE C 24 6.42 -17.66 21.16
C ILE C 24 7.65 -18.09 20.34
N LEU C 25 7.71 -17.66 19.08
CA LEU C 25 8.86 -17.99 18.22
C LEU C 25 10.13 -17.42 18.80
N ASP C 26 10.05 -16.23 19.36
CA ASP C 26 11.20 -15.63 19.98
C ASP C 26 11.71 -16.48 21.16
N ARG C 27 10.82 -17.12 21.90
CA ARG C 27 11.30 -18.03 22.98
C ARG C 27 12.22 -19.11 22.40
N PHE C 28 11.86 -19.66 21.23
CA PHE C 28 12.70 -20.68 20.60
C PHE C 28 14.07 -20.09 20.15
N GLU C 29 14.02 -18.98 19.39
CA GLU C 29 15.24 -18.38 18.79
C GLU C 29 16.20 -17.84 19.85
N SER C 30 15.66 -17.38 20.96
CA SER C 30 16.48 -16.83 22.07
C SER C 30 17.10 -17.93 22.92
N ASN C 31 16.72 -19.18 22.69
CA ASN C 31 17.21 -20.26 23.54
C ASN C 31 17.83 -21.38 22.74
N GLY C 32 18.54 -21.03 21.67
CA GLY C 32 19.32 -21.99 20.91
C GLY C 32 18.60 -22.82 19.84
N LEU C 33 17.42 -22.41 19.41
CA LEU C 33 16.70 -23.15 18.38
C LEU C 33 16.52 -22.27 17.15
N ARG C 34 16.82 -22.80 15.96
CA ARG C 34 16.55 -22.09 14.73
C ARG C 34 15.20 -22.53 14.16
N ILE C 35 14.44 -21.59 13.59
CA ILE C 35 13.22 -21.95 12.88
C ILE C 35 13.61 -22.42 11.49
N ALA C 36 13.46 -23.71 11.23
CA ALA C 36 13.94 -24.34 9.99
C ALA C 36 12.89 -24.47 8.87
N ALA C 37 11.65 -24.73 9.25
CA ALA C 37 10.48 -24.66 8.32
C ALA C 37 9.38 -24.07 9.17
N MET C 38 8.45 -23.36 8.53
CA MET C 38 7.34 -22.79 9.26
C MET C 38 6.23 -22.38 8.29
N LYS C 39 4.98 -22.59 8.72
CA LYS C 39 3.83 -22.18 7.91
C LYS C 39 2.64 -21.99 8.82
N LYS C 40 1.85 -20.95 8.54
CA LYS C 40 0.56 -20.83 9.19
C LYS C 40 -0.48 -21.58 8.34
N VAL C 41 -1.25 -22.48 8.97
CA VAL C 41 -2.24 -23.27 8.21
C VAL C 41 -3.51 -23.48 9.01
N GLN C 42 -4.60 -23.65 8.28
CA GLN C 42 -5.85 -24.09 8.88
C GLN C 42 -5.93 -25.60 8.64
N LEU C 43 -5.92 -26.37 9.72
CA LEU C 43 -6.06 -27.83 9.58
C LEU C 43 -7.48 -28.21 9.19
N SER C 44 -7.61 -29.16 8.26
CA SER C 44 -8.89 -29.80 8.04
C SER C 44 -9.17 -30.81 9.15
N LYS C 45 -10.45 -31.11 9.31
CA LYS C 45 -10.89 -32.14 10.20
C LYS C 45 -10.16 -33.48 9.90
N GLU C 46 -10.19 -33.90 8.63
CA GLU C 46 -9.51 -35.11 8.18
C GLU C 46 -8.05 -35.13 8.61
N GLN C 47 -7.33 -34.03 8.35
CA GLN C 47 -5.90 -33.95 8.70
C GLN C 47 -5.66 -33.97 10.23
N ALA C 48 -6.49 -33.26 10.99
CA ALA C 48 -6.31 -33.28 12.45
C ALA C 48 -6.60 -34.69 13.01
N GLU C 49 -7.62 -35.34 12.48
CA GLU C 49 -7.92 -36.74 12.85
C GLU C 49 -6.73 -37.65 12.57
N ASN C 50 -6.14 -37.48 11.37
CA ASN C 50 -5.02 -38.32 10.95
C ASN C 50 -3.82 -38.07 11.83
N PHE C 51 -3.60 -36.81 12.17
CA PHE C 51 -2.46 -36.49 13.01
C PHE C 51 -2.61 -37.16 14.38
N TYR C 52 -3.81 -37.08 14.93
CA TYR C 52 -4.03 -37.59 16.27
C TYR C 52 -4.34 -39.06 16.39
N ALA C 53 -4.71 -39.69 15.29
CA ALA C 53 -5.05 -41.11 15.35
C ALA C 53 -3.79 -41.94 15.70
N VAL C 54 -2.61 -41.37 15.47
CA VAL C 54 -1.33 -41.93 15.99
C VAL C 54 -1.14 -41.72 17.52
N HIS C 55 -1.59 -40.55 18.04
CA HIS C 55 -1.62 -40.20 19.50
C HIS C 55 -1.91 -41.37 20.45
N LYS C 56 -2.83 -42.26 20.06
CA LYS C 56 -3.29 -43.40 20.88
C LYS C 56 -3.00 -43.25 22.39
N ARG C 58 -4.00 -40.36 24.84
CA ARG C 58 -4.94 -39.22 24.82
C ARG C 58 -6.35 -39.69 25.24
N PRO C 59 -6.99 -38.97 26.17
CA PRO C 59 -8.25 -39.48 26.73
C PRO C 59 -9.52 -39.23 25.86
N PHE C 60 -9.51 -38.25 24.97
CA PHE C 60 -10.70 -37.97 24.17
C PHE C 60 -10.38 -37.30 22.85
N PHE C 61 -10.61 -38.05 21.79
CA PHE C 61 -10.16 -37.70 20.46
C PHE C 61 -11.05 -36.58 19.85
N LYS C 62 -12.36 -36.68 19.94
CA LYS C 62 -13.25 -35.72 19.27
C LYS C 62 -12.97 -34.26 19.66
N ASP C 63 -12.85 -34.01 20.96
CA ASP C 63 -12.66 -32.63 21.44
C ASP C 63 -11.29 -32.07 21.11
N LEU C 64 -10.30 -32.94 21.05
CA LEU C 64 -8.97 -32.52 20.72
C LEU C 64 -8.95 -32.09 19.23
N VAL C 65 -9.59 -32.89 18.40
CA VAL C 65 -9.72 -32.56 16.98
C VAL C 65 -10.45 -31.22 16.78
N GLU C 66 -11.63 -31.09 17.38
CA GLU C 66 -12.38 -29.83 17.30
C GLU C 66 -11.58 -28.63 17.75
N PHE C 67 -10.89 -28.76 18.87
CA PHE C 67 -10.03 -27.67 19.33
C PHE C 67 -8.94 -27.36 18.30
N MET C 68 -8.29 -28.39 17.77
CA MET C 68 -7.15 -28.14 16.87
C MET C 68 -7.56 -27.60 15.49
N ILE C 69 -8.85 -27.69 15.15
CA ILE C 69 -9.36 -27.10 13.93
C ILE C 69 -10.18 -25.81 14.14
N SER C 70 -10.30 -25.36 15.40
CA SER C 70 -11.16 -24.22 15.74
C SER C 70 -10.61 -22.92 15.13
N GLY C 71 -9.34 -22.90 14.73
CA GLY C 71 -8.76 -21.71 14.09
C GLY C 71 -7.44 -22.16 13.54
N PRO C 72 -6.71 -21.26 12.84
CA PRO C 72 -5.44 -21.67 12.25
C PRO C 72 -4.35 -21.91 13.28
N VAL C 73 -3.33 -22.67 12.88
CA VAL C 73 -2.19 -22.91 13.72
C VAL C 73 -0.91 -22.48 13.02
N VAL C 74 0.19 -22.47 13.77
CA VAL C 74 1.49 -22.31 13.15
C VAL C 74 2.36 -23.55 13.37
N VAL C 75 2.74 -24.21 12.29
CA VAL C 75 3.57 -25.42 12.37
C VAL C 75 5.00 -25.07 11.96
N SER C 76 5.96 -25.45 12.80
CA SER C 76 7.40 -25.17 12.56
C SER C 76 8.24 -26.39 12.85
N ILE C 77 9.38 -26.49 12.17
CA ILE C 77 10.46 -27.39 12.55
C ILE C 77 11.49 -26.52 13.28
N LEU C 78 11.88 -26.95 14.48
CA LEU C 78 12.87 -26.23 15.28
C LEU C 78 14.14 -27.05 15.25
N GLU C 79 15.27 -26.43 14.92
CA GLU C 79 16.54 -27.15 14.86
C GLU C 79 17.56 -26.58 15.82
N GLY C 80 18.26 -27.47 16.53
CA GLY C 80 19.26 -27.08 17.51
C GLY C 80 19.68 -28.30 18.30
N GLU C 81 20.74 -28.12 19.11
CA GLU C 81 21.25 -29.17 19.96
C GLU C 81 20.17 -29.54 20.96
N GLY C 82 19.84 -30.82 21.06
CA GLY C 82 18.83 -31.29 22.01
C GLY C 82 17.46 -30.65 21.79
N ALA C 83 17.17 -30.32 20.54
CA ALA C 83 15.94 -29.58 20.19
C ALA C 83 14.66 -30.21 20.74
N VAL C 84 14.58 -31.55 20.70
CA VAL C 84 13.35 -32.23 21.12
C VAL C 84 13.06 -31.88 22.55
N LEU C 85 14.04 -32.14 23.42
CA LEU C 85 13.88 -31.88 24.86
C LEU C 85 13.92 -30.40 25.21
N LYS C 86 14.73 -29.62 24.53
CA LYS C 86 14.71 -28.15 24.72
C LYS C 86 13.31 -27.53 24.45
N ASN C 87 12.66 -27.92 23.35
CA ASN C 87 11.31 -27.45 23.04
C ASN C 87 10.35 -27.75 24.21
N ARG C 88 10.37 -28.99 24.70
CA ARG C 88 9.53 -29.40 25.83
C ARG C 88 9.80 -28.52 27.06
N ASP C 89 11.08 -28.33 27.40
CA ASP C 89 11.45 -27.42 28.48
C ASP C 89 10.88 -26.03 28.31
N LEU C 90 10.96 -25.51 27.08
CA LEU C 90 10.51 -24.16 26.80
C LEU C 90 8.99 -24.07 26.85
N MET C 91 8.32 -25.14 26.44
CA MET C 91 6.84 -25.17 26.49
C MET C 91 6.31 -25.14 27.92
N GLY C 92 6.93 -25.93 28.79
CA GLY C 92 6.51 -26.01 30.20
C GLY C 92 5.44 -27.06 30.39
N ALA C 93 4.98 -27.21 31.62
CA ALA C 93 4.05 -28.28 32.01
C ALA C 93 2.71 -28.17 31.29
N THR C 94 2.18 -29.32 30.90
CA THR C 94 0.86 -29.44 30.25
C THR C 94 -0.17 -28.51 30.91
N ASN C 95 -0.15 -28.45 32.24
CA ASN C 95 -1.00 -27.54 32.99
C ASN C 95 -0.33 -26.17 33.24
N PRO C 96 -0.90 -25.08 32.67
CA PRO C 96 -0.31 -23.76 32.80
C PRO C 96 -0.20 -23.32 34.25
N LYS C 97 -1.20 -23.65 35.06
CA LYS C 97 -1.14 -23.39 36.50
C LYS C 97 0.08 -24.05 37.12
N GLU C 98 0.50 -25.17 36.54
CA GLU C 98 1.66 -25.95 37.03
C GLU C 98 2.98 -25.57 36.39
N ALA C 99 2.95 -24.90 35.23
CA ALA C 99 4.14 -24.62 34.43
C ALA C 99 5.08 -23.62 35.09
N LYS C 100 6.39 -23.83 34.93
CA LYS C 100 7.39 -22.89 35.44
C LYS C 100 7.22 -21.47 34.89
N ALA C 101 7.39 -20.48 35.75
CA ALA C 101 7.39 -19.08 35.33
C ALA C 101 8.38 -18.94 34.17
N GLY C 102 8.06 -18.15 33.16
CA GLY C 102 8.97 -18.03 32.02
C GLY C 102 8.84 -19.07 30.90
N THR C 103 8.01 -20.09 31.10
CA THR C 103 7.69 -21.01 30.01
C THR C 103 6.53 -20.50 29.14
N ILE C 104 6.39 -21.08 27.94
CA ILE C 104 5.33 -20.69 27.00
C ILE C 104 3.95 -20.91 27.62
N ARG C 105 3.73 -22.07 28.24
CA ARG C 105 2.42 -22.29 28.85
C ARG C 105 2.15 -21.41 30.08
N ALA C 106 3.14 -21.22 30.95
CA ALA C 106 2.95 -20.25 32.03
C ALA C 106 2.52 -18.87 31.50
N ASP C 107 3.13 -18.42 30.41
CA ASP C 107 2.86 -17.08 29.91
C ASP C 107 1.59 -16.93 29.08
N PHE C 108 1.25 -17.93 28.27
CA PHE C 108 0.28 -17.73 27.19
C PHE C 108 -0.92 -18.69 27.18
N ALA C 109 -0.90 -19.70 28.03
CA ALA C 109 -1.96 -20.72 28.01
C ALA C 109 -3.00 -20.47 29.08
N GLU C 110 -4.26 -20.63 28.72
CA GLU C 110 -5.35 -20.47 29.69
C GLU C 110 -5.57 -21.66 30.59
N SER C 111 -5.46 -22.87 30.05
CA SER C 111 -5.82 -24.06 30.85
C SER C 111 -5.24 -25.30 30.18
N ILE C 112 -5.52 -26.45 30.78
CA ILE C 112 -5.07 -27.73 30.26
C ILE C 112 -5.64 -27.96 28.84
N ASP C 113 -6.90 -27.58 28.63
CA ASP C 113 -7.61 -27.78 27.36
C ASP C 113 -7.28 -26.75 26.28
N ALA C 114 -6.57 -25.69 26.65
CA ALA C 114 -6.20 -24.65 25.71
C ALA C 114 -4.78 -24.28 26.14
N ASN C 115 -3.83 -25.10 25.73
CA ASN C 115 -2.48 -25.05 26.31
C ASN C 115 -1.39 -24.58 25.34
N ALA C 116 -1.84 -23.84 24.31
CA ALA C 116 -1.01 -22.94 23.47
C ALA C 116 -0.06 -23.59 22.48
N VAL C 117 0.58 -24.69 22.87
CA VAL C 117 1.66 -25.30 22.05
C VAL C 117 1.74 -26.85 22.10
N HIS C 118 2.23 -27.39 21.00
CA HIS C 118 2.53 -28.80 20.88
C HIS C 118 4.02 -28.89 20.64
N GLY C 119 4.63 -29.95 21.14
CA GLY C 119 6.02 -30.28 20.79
C GLY C 119 6.18 -31.79 20.71
N SER C 120 6.93 -32.28 19.72
CA SER C 120 7.22 -33.74 19.66
C SER C 120 7.77 -34.23 21.00
N ASP C 121 7.40 -35.43 21.43
CA ASP C 121 7.83 -35.89 22.75
C ASP C 121 9.05 -36.80 22.69
N SER C 122 9.54 -37.12 21.49
CA SER C 122 10.75 -37.94 21.33
C SER C 122 11.31 -37.67 19.93
N LEU C 123 12.59 -38.00 19.69
CA LEU C 123 13.18 -37.90 18.36
C LEU C 123 12.42 -38.80 17.35
N GLU C 124 12.06 -40.01 17.80
CA GLU C 124 11.22 -40.94 17.02
C GLU C 124 9.92 -40.26 16.57
N ASN C 125 9.21 -39.64 17.50
CA ASN C 125 7.98 -38.96 17.13
C ASN C 125 8.18 -37.66 16.33
N ALA C 126 9.31 -37.00 16.53
CA ALA C 126 9.64 -35.79 15.78
C ALA C 126 9.71 -36.18 14.31
N LYS C 127 10.38 -37.28 14.01
CA LYS C 127 10.53 -37.69 12.60
C LYS C 127 9.14 -37.95 11.96
N ILE C 128 8.28 -38.65 12.71
CA ILE C 128 6.93 -38.98 12.23
C ILE C 128 6.09 -37.72 11.98
N GLU C 129 6.15 -36.77 12.91
CA GLU C 129 5.35 -35.57 12.87
C GLU C 129 5.83 -34.65 11.77
N ILE C 130 7.14 -34.56 11.62
CA ILE C 130 7.72 -33.77 10.54
C ILE C 130 7.27 -34.34 9.18
N GLU C 131 7.35 -35.66 9.00
CA GLU C 131 6.94 -36.27 7.72
C GLU C 131 5.43 -36.10 7.46
N PHE C 132 4.65 -36.03 8.53
CA PHE C 132 3.23 -35.81 8.42
C PHE C 132 2.90 -34.43 7.83
N PHE C 133 3.60 -33.41 8.28
CA PHE C 133 3.28 -32.05 7.88
C PHE C 133 4.01 -31.52 6.65
N PHE C 134 5.17 -32.12 6.33
CA PHE C 134 6.03 -31.57 5.28
C PHE C 134 6.45 -32.70 4.36
N LYS C 135 5.81 -32.80 3.20
CA LYS C 135 6.16 -33.83 2.23
C LYS C 135 7.29 -33.29 1.38
N PRO C 136 7.98 -34.17 0.63
CA PRO C 136 9.25 -33.79 0.01
C PRO C 136 9.23 -32.56 -0.88
N ASN C 137 8.12 -32.26 -1.54
CA ASN C 137 8.14 -31.07 -2.40
C ASN C 137 7.96 -29.80 -1.61
N GLU C 138 7.46 -29.95 -0.39
CA GLU C 138 7.02 -28.79 0.39
C GLU C 138 8.16 -28.24 1.22
N ILE C 139 9.27 -28.97 1.27
CA ILE C 139 10.36 -28.64 2.17
C ILE C 139 11.73 -28.83 1.52
N CYS C 140 12.58 -27.80 1.68
CA CYS C 140 13.94 -27.81 1.14
C CYS C 140 14.73 -29.01 1.72
N SER D 2 9.74 32.67 -23.08
CA SER D 2 8.45 33.01 -22.38
C SER D 2 8.01 31.94 -21.38
N ALA D 3 8.30 32.19 -20.09
CA ALA D 3 7.99 31.28 -18.97
C ALA D 3 6.50 31.10 -18.78
N MET D 4 5.73 31.82 -19.58
CA MET D 4 4.27 31.77 -19.49
C MET D 4 3.59 31.14 -20.71
N GLU D 5 4.37 30.45 -21.55
CA GLU D 5 3.80 29.62 -22.61
C GLU D 5 2.85 28.58 -21.97
N LYS D 6 1.66 28.44 -22.54
CA LYS D 6 0.64 27.49 -22.05
C LYS D 6 0.25 26.50 -23.14
N THR D 7 -0.06 25.27 -22.74
CA THR D 7 -0.51 24.26 -23.67
C THR D 7 -1.61 23.43 -23.04
N LEU D 8 -2.40 22.74 -23.87
CA LEU D 8 -3.50 21.94 -23.34
C LEU D 8 -3.06 20.48 -23.18
N SER D 9 -3.37 19.90 -22.02
CA SER D 9 -3.13 18.48 -21.76
C SER D 9 -4.46 17.79 -21.50
N ILE D 10 -4.69 16.64 -22.13
CA ILE D 10 -5.83 15.80 -21.74
C ILE D 10 -5.32 14.44 -21.35
N ILE D 11 -5.65 14.04 -20.14
CA ILE D 11 -5.43 12.67 -19.70
C ILE D 11 -6.69 11.95 -20.12
N LYS D 12 -6.54 10.99 -21.03
CA LYS D 12 -7.67 10.39 -21.73
C LYS D 12 -8.36 9.31 -20.87
N PRO D 13 -9.53 8.78 -21.34
CA PRO D 13 -10.31 7.94 -20.46
C PRO D 13 -9.65 6.66 -20.02
N ASP D 14 -8.74 6.11 -20.85
CA ASP D 14 -7.98 4.89 -20.51
C ASP D 14 -7.05 5.12 -19.29
N ALA D 15 -6.29 6.21 -19.29
CA ALA D 15 -5.43 6.54 -18.17
C ALA D 15 -6.19 6.94 -16.90
N VAL D 16 -7.29 7.68 -17.08
CA VAL D 16 -8.17 7.97 -15.95
C VAL D 16 -8.70 6.67 -15.32
N LYS D 17 -9.15 5.73 -16.14
CA LYS D 17 -9.70 4.48 -15.62
C LYS D 17 -8.60 3.71 -14.87
N LYS D 18 -7.37 3.77 -15.36
CA LYS D 18 -6.25 3.08 -14.73
C LYS D 18 -5.89 3.77 -13.41
N GLY D 19 -6.37 4.98 -13.15
CA GLY D 19 -5.98 5.59 -11.87
C GLY D 19 -4.51 6.02 -11.86
N VAL D 20 -4.01 6.54 -12.97
CA VAL D 20 -2.61 7.05 -12.98
C VAL D 20 -2.61 8.57 -13.28
N ILE D 21 -3.69 9.25 -12.89
CA ILE D 21 -3.75 10.72 -13.10
C ILE D 21 -2.58 11.46 -12.37
N GLY D 22 -2.34 11.09 -11.12
CA GLY D 22 -1.28 11.71 -10.29
C GLY D 22 0.11 11.45 -10.88
N LYS D 23 0.38 10.20 -11.26
CA LYS D 23 1.66 9.87 -11.89
C LYS D 23 1.89 10.69 -13.17
N ILE D 24 0.86 10.82 -13.98
CA ILE D 24 1.00 11.64 -15.20
C ILE D 24 1.21 13.14 -14.89
N LEU D 25 0.40 13.69 -14.00
CA LEU D 25 0.59 15.09 -13.61
C LEU D 25 2.02 15.38 -13.08
N ASP D 26 2.54 14.46 -12.25
CA ASP D 26 3.87 14.58 -11.72
C ASP D 26 4.96 14.64 -12.83
N ARG D 27 4.76 13.95 -13.96
CA ARG D 27 5.69 14.06 -15.09
C ARG D 27 5.79 15.50 -15.51
N PHE D 28 4.65 16.22 -15.52
CA PHE D 28 4.66 17.63 -15.85
C PHE D 28 5.30 18.51 -14.81
N GLU D 29 4.82 18.41 -13.56
CA GLU D 29 5.34 19.27 -12.49
C GLU D 29 6.82 19.03 -12.18
N SER D 30 7.30 17.81 -12.46
CA SER D 30 8.71 17.47 -12.16
C SER D 30 9.64 18.01 -13.23
N ASN D 31 9.05 18.50 -14.31
CA ASN D 31 9.82 18.88 -15.48
C ASN D 31 9.56 20.33 -15.90
N GLY D 32 9.33 21.18 -14.91
CA GLY D 32 9.23 22.63 -15.13
C GLY D 32 7.89 23.13 -15.67
N LEU D 33 6.82 22.34 -15.52
CA LEU D 33 5.52 22.79 -16.04
C LEU D 33 4.59 22.92 -14.86
N ARG D 34 3.87 24.04 -14.76
CA ARG D 34 2.95 24.22 -13.65
C ARG D 34 1.52 23.94 -14.18
N ILE D 35 0.70 23.34 -13.34
CA ILE D 35 -0.68 23.10 -13.65
C ILE D 35 -1.41 24.39 -13.37
N ALA D 36 -1.65 25.16 -14.43
CA ALA D 36 -2.25 26.48 -14.28
C ALA D 36 -3.76 26.39 -14.10
N ALA D 37 -4.36 25.33 -14.65
CA ALA D 37 -5.82 25.10 -14.55
C ALA D 37 -6.02 23.61 -14.72
N MET D 38 -7.12 23.10 -14.18
CA MET D 38 -7.35 21.66 -14.22
C MET D 38 -8.74 21.31 -13.76
N LYS D 39 -9.39 20.41 -14.50
CA LYS D 39 -10.66 19.82 -14.05
C LYS D 39 -10.85 18.44 -14.66
N LYS D 40 -11.56 17.58 -13.92
CA LYS D 40 -11.99 16.29 -14.45
C LYS D 40 -13.36 16.53 -15.05
N VAL D 41 -13.58 16.04 -16.27
CA VAL D 41 -14.78 16.31 -16.99
C VAL D 41 -15.15 15.10 -17.82
N GLN D 42 -16.44 14.95 -18.04
CA GLN D 42 -17.01 13.96 -18.95
C GLN D 42 -17.46 14.69 -20.22
N LEU D 43 -16.90 14.32 -21.37
CA LEU D 43 -17.31 14.92 -22.64
C LEU D 43 -18.56 14.24 -23.20
N SER D 44 -19.47 15.04 -23.78
CA SER D 44 -20.60 14.52 -24.54
C SER D 44 -20.10 14.13 -25.93
N LYS D 45 -20.93 13.38 -26.68
CA LYS D 45 -20.55 12.98 -28.03
C LYS D 45 -20.29 14.21 -28.90
N GLU D 46 -21.15 15.23 -28.74
CA GLU D 46 -21.09 16.45 -29.52
C GLU D 46 -19.81 17.24 -29.26
N GLN D 47 -19.43 17.34 -27.99
CA GLN D 47 -18.24 18.04 -27.58
C GLN D 47 -16.98 17.38 -28.13
N ALA D 48 -16.90 16.05 -28.05
CA ALA D 48 -15.77 15.32 -28.65
C ALA D 48 -15.78 15.46 -30.16
N GLU D 49 -16.96 15.50 -30.77
CA GLU D 49 -17.04 15.76 -32.20
C GLU D 49 -16.53 17.16 -32.56
N ASN D 50 -16.92 18.17 -31.77
CA ASN D 50 -16.47 19.53 -32.03
C ASN D 50 -14.94 19.63 -31.83
N PHE D 51 -14.43 19.11 -30.73
CA PHE D 51 -12.99 19.17 -30.45
C PHE D 51 -12.16 18.54 -31.57
N TYR D 52 -12.65 17.43 -32.13
CA TYR D 52 -11.92 16.66 -33.13
C TYR D 52 -12.42 16.87 -34.56
N ALA D 53 -13.08 18.00 -34.82
CA ALA D 53 -13.73 18.26 -36.11
C ALA D 53 -12.84 18.08 -37.35
N VAL D 54 -11.52 18.25 -37.18
CA VAL D 54 -10.56 18.07 -38.29
C VAL D 54 -10.46 16.62 -38.76
N HIS D 55 -10.63 15.69 -37.83
CA HIS D 55 -10.71 14.26 -38.17
C HIS D 55 -12.08 13.79 -38.65
N LYS D 56 -13.05 14.71 -38.76
CA LYS D 56 -14.34 14.38 -39.39
C LYS D 56 -14.01 13.71 -40.75
N GLU D 57 -12.90 14.16 -41.32
CA GLU D 57 -12.19 13.52 -42.43
C GLU D 57 -12.11 11.98 -42.56
N ARG D 58 -11.43 11.37 -41.59
CA ARG D 58 -10.96 9.99 -41.73
C ARG D 58 -11.95 8.93 -41.26
N PRO D 59 -11.70 7.65 -41.65
CA PRO D 59 -12.52 6.53 -41.15
C PRO D 59 -12.51 6.43 -39.61
N PHE D 60 -11.35 6.63 -39.01
CA PHE D 60 -11.17 6.42 -37.55
C PHE D 60 -11.84 7.46 -36.62
N PHE D 61 -12.64 8.35 -37.19
CA PHE D 61 -13.29 9.41 -36.45
C PHE D 61 -14.30 8.88 -35.44
N LYS D 62 -15.21 8.00 -35.91
CA LYS D 62 -16.23 7.41 -35.04
C LYS D 62 -15.63 6.74 -33.81
N ASP D 63 -14.57 5.96 -34.05
CA ASP D 63 -13.90 5.20 -33.00
C ASP D 63 -13.21 6.13 -32.02
N LEU D 64 -12.60 7.19 -32.53
CA LEU D 64 -11.94 8.21 -31.73
C LEU D 64 -12.90 8.92 -30.76
N VAL D 65 -14.09 9.24 -31.26
CA VAL D 65 -15.14 9.90 -30.51
C VAL D 65 -15.72 8.99 -29.39
N GLU D 66 -16.16 7.78 -29.75
CA GLU D 66 -16.64 6.80 -28.76
C GLU D 66 -15.59 6.56 -27.67
N PHE D 67 -14.31 6.49 -28.05
CA PHE D 67 -13.27 6.33 -27.05
C PHE D 67 -13.20 7.55 -26.12
N MET D 68 -13.10 8.75 -26.72
CA MET D 68 -12.93 9.98 -25.94
C MET D 68 -14.10 10.33 -24.99
N ILE D 69 -15.26 9.72 -25.22
CA ILE D 69 -16.43 9.89 -24.34
C ILE D 69 -16.72 8.62 -23.51
N SER D 70 -15.89 7.60 -23.65
CA SER D 70 -16.15 6.32 -22.97
C SER D 70 -15.97 6.42 -21.45
N GLY D 71 -15.38 7.51 -20.99
CA GLY D 71 -15.27 7.80 -19.57
C GLY D 71 -14.75 9.23 -19.40
N PRO D 72 -14.65 9.69 -18.14
CA PRO D 72 -14.13 11.04 -17.84
C PRO D 72 -12.65 11.19 -18.26
N VAL D 73 -12.24 12.44 -18.43
CA VAL D 73 -10.89 12.83 -18.77
C VAL D 73 -10.48 13.91 -17.77
N VAL D 74 -9.17 14.17 -17.71
CA VAL D 74 -8.69 15.29 -16.90
C VAL D 74 -8.04 16.27 -17.88
N VAL D 75 -8.57 17.48 -17.96
N VAL D 75 -8.52 17.50 -17.90
CA VAL D 75 -8.00 18.50 -18.82
CA VAL D 75 -8.02 18.51 -18.81
C VAL D 75 -7.25 19.51 -17.97
C VAL D 75 -7.26 19.53 -17.99
N SER D 76 -6.08 19.92 -18.46
CA SER D 76 -5.19 20.83 -17.74
C SER D 76 -4.59 21.83 -18.69
N ILE D 77 -4.29 23.02 -18.16
CA ILE D 77 -3.35 23.94 -18.84
C ILE D 77 -2.00 23.78 -18.16
N LEU D 78 -0.99 23.46 -18.96
CA LEU D 78 0.36 23.32 -18.44
C LEU D 78 1.08 24.59 -18.86
N GLU D 79 1.77 25.23 -17.92
CA GLU D 79 2.45 26.48 -18.20
C GLU D 79 3.92 26.40 -17.82
N GLY D 80 4.77 26.88 -18.75
CA GLY D 80 6.21 26.96 -18.52
C GLY D 80 6.99 27.18 -19.80
N GLU D 81 8.30 27.34 -19.65
CA GLU D 81 9.21 27.57 -20.78
C GLU D 81 9.09 26.42 -21.77
N GLY D 82 8.85 26.76 -23.04
CA GLY D 82 8.62 25.77 -24.10
C GLY D 82 7.55 24.71 -23.78
N ALA D 83 6.44 25.12 -23.14
CA ALA D 83 5.43 24.16 -22.65
C ALA D 83 4.88 23.26 -23.75
N VAL D 84 4.61 23.83 -24.92
CA VAL D 84 4.01 23.05 -25.99
C VAL D 84 4.91 21.87 -26.36
N LEU D 85 6.14 22.15 -26.74
CA LEU D 85 7.09 21.11 -27.09
C LEU D 85 7.48 20.20 -25.91
N LYS D 86 7.67 20.77 -24.72
CA LYS D 86 8.03 19.97 -23.54
C LYS D 86 6.96 18.90 -23.25
N ASN D 87 5.70 19.30 -23.22
CA ASN D 87 4.57 18.36 -23.06
C ASN D 87 4.62 17.23 -24.12
N ARG D 88 4.78 17.59 -25.38
CA ARG D 88 4.96 16.60 -26.43
C ARG D 88 6.14 15.64 -26.22
N ASP D 89 7.27 16.18 -25.79
CA ASP D 89 8.43 15.37 -25.43
C ASP D 89 8.09 14.40 -24.28
N LEU D 90 7.37 14.88 -23.27
CA LEU D 90 7.05 14.05 -22.11
C LEU D 90 6.01 12.98 -22.43
N MET D 91 5.06 13.32 -23.33
CA MET D 91 4.03 12.37 -23.80
C MET D 91 4.64 11.20 -24.57
N GLY D 92 5.60 11.49 -25.46
CA GLY D 92 6.21 10.49 -26.34
C GLY D 92 5.49 10.34 -27.67
N ALA D 93 6.04 9.54 -28.58
CA ALA D 93 5.39 9.31 -29.89
C ALA D 93 3.95 8.80 -29.74
N THR D 94 3.10 9.12 -30.73
CA THR D 94 1.67 8.74 -30.68
C THR D 94 1.50 7.22 -30.58
N ASN D 95 2.30 6.46 -31.33
CA ASN D 95 2.34 5.02 -31.15
C ASN D 95 3.17 4.59 -29.93
N PRO D 96 2.50 4.04 -28.91
CA PRO D 96 3.17 3.68 -27.67
C PRO D 96 4.33 2.71 -27.91
N LYS D 97 4.20 1.87 -28.95
CA LYS D 97 5.26 0.95 -29.31
C LYS D 97 6.55 1.70 -29.71
N GLU D 98 6.40 2.88 -30.31
CA GLU D 98 7.56 3.69 -30.74
C GLU D 98 7.99 4.76 -29.73
N ALA D 99 7.25 4.91 -28.64
CA ALA D 99 7.50 5.93 -27.63
C ALA D 99 8.77 5.63 -26.83
N LYS D 100 9.58 6.65 -26.57
CA LYS D 100 10.85 6.45 -25.84
C LYS D 100 10.56 6.07 -24.38
N ALA D 101 11.46 5.29 -23.79
CA ALA D 101 11.40 4.94 -22.40
C ALA D 101 11.22 6.18 -21.52
N GLY D 102 10.41 6.03 -20.48
CA GLY D 102 10.20 7.11 -19.55
C GLY D 102 9.17 8.12 -20.02
N THR D 103 8.60 7.94 -21.20
CA THR D 103 7.52 8.84 -21.64
C THR D 103 6.17 8.33 -21.14
N ILE D 104 5.20 9.22 -21.07
CA ILE D 104 3.86 8.84 -20.57
C ILE D 104 3.25 7.71 -21.40
N ARG D 105 3.36 7.83 -22.72
CA ARG D 105 2.79 6.80 -23.60
C ARG D 105 3.53 5.50 -23.57
N ALA D 106 4.86 5.55 -23.38
CA ALA D 106 5.59 4.30 -23.15
C ALA D 106 5.11 3.62 -21.85
N ASP D 107 4.86 4.41 -20.80
CA ASP D 107 4.54 3.85 -19.48
C ASP D 107 3.10 3.45 -19.26
N PHE D 108 2.18 4.15 -19.91
CA PHE D 108 0.78 4.02 -19.54
C PHE D 108 -0.17 3.73 -20.67
N ALA D 109 0.29 3.75 -21.92
CA ALA D 109 -0.59 3.61 -23.09
C ALA D 109 -0.63 2.18 -23.58
N GLU D 110 -1.85 1.76 -23.96
CA GLU D 110 -2.09 0.38 -24.35
C GLU D 110 -1.86 0.18 -25.84
N SER D 111 -2.24 1.16 -26.63
CA SER D 111 -2.16 1.06 -28.09
C SER D 111 -2.26 2.46 -28.67
N ILE D 112 -2.17 2.54 -29.98
CA ILE D 112 -2.32 3.79 -30.72
C ILE D 112 -3.66 4.43 -30.40
N ASP D 113 -4.68 3.59 -30.32
CA ASP D 113 -6.05 4.07 -30.10
C ASP D 113 -6.31 4.46 -28.65
N ALA D 114 -5.66 3.76 -27.71
CA ALA D 114 -5.75 4.11 -26.30
C ALA D 114 -4.36 4.56 -25.81
N ASN D 115 -4.03 5.79 -26.13
CA ASN D 115 -2.68 6.26 -25.94
C ASN D 115 -2.56 7.31 -24.83
N ALA D 116 -3.42 7.19 -23.81
CA ALA D 116 -3.28 7.82 -22.51
C ALA D 116 -3.50 9.32 -22.46
N VAL D 117 -2.86 10.07 -23.40
CA VAL D 117 -2.76 11.53 -23.27
C VAL D 117 -2.91 12.21 -24.61
N HIS D 118 -3.43 13.44 -24.57
CA HIS D 118 -3.43 14.38 -25.68
C HIS D 118 -2.58 15.59 -25.27
N GLY D 119 -1.90 16.20 -26.23
CA GLY D 119 -1.26 17.48 -25.99
C GLY D 119 -1.30 18.35 -27.21
N SER D 120 -1.45 19.66 -27.03
CA SER D 120 -1.53 20.55 -28.18
C SER D 120 -0.28 20.42 -29.02
N ASP D 121 -0.44 20.43 -30.34
CA ASP D 121 0.72 20.20 -31.20
C ASP D 121 1.43 21.45 -31.74
N SER D 122 0.95 22.64 -31.37
CA SER D 122 1.56 23.90 -31.76
C SER D 122 0.97 25.00 -30.85
N LEU D 123 1.62 26.18 -30.85
CA LEU D 123 1.13 27.35 -30.09
C LEU D 123 -0.26 27.76 -30.56
N GLU D 124 -0.45 27.78 -31.88
CA GLU D 124 -1.74 28.08 -32.46
C GLU D 124 -2.83 27.17 -31.92
N ASN D 125 -2.59 25.86 -31.98
CA ASN D 125 -3.60 24.89 -31.56
C ASN D 125 -3.81 24.92 -30.07
N ALA D 126 -2.75 25.24 -29.33
CA ALA D 126 -2.83 25.36 -27.87
C ALA D 126 -3.80 26.46 -27.52
N LYS D 127 -3.68 27.60 -28.19
CA LYS D 127 -4.59 28.70 -27.94
C LYS D 127 -6.07 28.28 -28.17
N ILE D 128 -6.34 27.65 -29.31
CA ILE D 128 -7.68 27.22 -29.67
C ILE D 128 -8.26 26.18 -28.66
N GLU D 129 -7.40 25.23 -28.26
CA GLU D 129 -7.81 24.11 -27.43
C GLU D 129 -8.02 24.58 -25.98
N ILE D 130 -7.16 25.47 -25.50
CA ILE D 130 -7.37 26.05 -24.17
C ILE D 130 -8.71 26.83 -24.12
N GLU D 131 -8.98 27.66 -25.14
CA GLU D 131 -10.22 28.42 -25.18
C GLU D 131 -11.45 27.54 -25.22
N PHE D 132 -11.31 26.38 -25.84
CA PHE D 132 -12.42 25.46 -25.96
C PHE D 132 -12.82 24.94 -24.57
N PHE D 133 -11.84 24.68 -23.72
CA PHE D 133 -12.07 24.06 -22.42
C PHE D 133 -12.23 25.00 -21.24
N PHE D 134 -11.63 26.18 -21.30
CA PHE D 134 -11.44 26.98 -20.10
C PHE D 134 -11.87 28.43 -20.30
N LYS D 135 -12.53 28.99 -19.30
CA LYS D 135 -12.77 30.42 -19.28
C LYS D 135 -11.57 31.05 -18.56
N PRO D 136 -11.30 32.35 -18.81
CA PRO D 136 -10.11 32.96 -18.15
C PRO D 136 -10.09 32.79 -16.61
N ASN D 137 -11.25 32.81 -15.95
CA ASN D 137 -11.29 32.69 -14.49
C ASN D 137 -10.90 31.31 -13.94
N GLU D 138 -10.80 30.31 -14.82
CA GLU D 138 -10.35 29.01 -14.37
C GLU D 138 -8.81 28.90 -14.30
N ILE D 139 -8.12 29.88 -14.88
CA ILE D 139 -6.65 29.89 -14.96
C ILE D 139 -6.13 30.68 -13.74
N CYS D 140 -5.57 29.97 -12.75
CA CYS D 140 -5.36 30.57 -11.39
C CYS D 140 -4.02 30.19 -10.74
#